data_9KXP
#
_entry.id   9KXP
#
_cell.length_a   69.498
_cell.length_b   69.498
_cell.length_c   79.224
_cell.angle_alpha   90.00
_cell.angle_beta   90.00
_cell.angle_gamma   120.00
#
_symmetry.space_group_name_H-M   'P 31 2 1'
#
loop_
_entity.id
_entity.type
_entity.pdbx_description
1 polymer 'Peptidyl-prolyl cis-trans isomerase NIMA-interacting 1'
2 non-polymer (2,4-dimethyl-1,3-thiazol-5-yl)methanol
3 non-polymer 3,6,9,12,15,18,21-HEPTAOXATRICOSANE-1,23-DIOL
4 non-polymer 'SULFATE ION'
5 water water
#
_entity_poly.entity_id   1
_entity_poly.type   'polypeptide(L)'
_entity_poly.pdbx_seq_one_letter_code
;MADEEKLPPGWEKAMSRSSGRVYYFNHITNASQWERPSGNSSSGGKNGQGEPARVRCSHLLVKHSQSRRPSSWRQEKITR
TKEEALELINGYIQKIKSGEEDFESLASQFSDCSSAKARGDLGAFSRGQMQKPFEDASFALRTGEMSGPVFTDSGIHIIL
RTE
;
_entity_poly.pdbx_strand_id   A
#
loop_
_chem_comp.id
_chem_comp.type
_chem_comp.name
_chem_comp.formula
A1EHB non-polymer (2,4-dimethyl-1,3-thiazol-5-yl)methanol 'C6 H9 N O S'
PE8 non-polymer 3,6,9,12,15,18,21-HEPTAOXATRICOSANE-1,23-DIOL 'C16 H34 O9'
SO4 non-polymer 'SULFATE ION' 'O4 S -2'
#
# COMPACT_ATOMS: atom_id res chain seq x y z
N LYS A 6 3.27 -12.13 -21.66
CA LYS A 6 3.50 -10.74 -22.05
C LYS A 6 4.18 -9.98 -20.91
N LEU A 7 3.45 -9.76 -19.83
CA LEU A 7 3.90 -8.95 -18.70
C LEU A 7 3.78 -9.73 -17.41
N PRO A 8 4.50 -9.30 -16.37
CA PRO A 8 4.47 -9.97 -15.06
C PRO A 8 3.06 -10.15 -14.53
N PRO A 9 2.89 -10.89 -13.44
CA PRO A 9 1.55 -11.17 -12.90
C PRO A 9 0.79 -9.89 -12.56
N GLY A 10 -0.37 -9.71 -13.19
CA GLY A 10 -1.29 -8.67 -12.79
C GLY A 10 -1.09 -7.33 -13.47
N TRP A 11 -0.12 -7.21 -14.37
CA TRP A 11 0.15 -5.97 -15.08
C TRP A 11 -0.64 -5.87 -16.37
N GLU A 12 -0.98 -4.63 -16.75
CA GLU A 12 -1.68 -4.37 -17.99
C GLU A 12 -1.34 -2.96 -18.45
N LYS A 13 -1.48 -2.73 -19.76
CA LYS A 13 -1.20 -1.43 -20.36
C LYS A 13 -2.37 -0.48 -20.18
N ALA A 14 -2.07 0.81 -20.05
CA ALA A 14 -3.10 1.83 -19.94
C ALA A 14 -2.66 3.07 -20.71
N MET A 15 -3.60 3.98 -20.95
CA MET A 15 -3.30 5.24 -21.60
C MET A 15 -3.55 6.41 -20.65
N SER A 16 -2.56 7.28 -20.54
CA SER A 16 -2.76 8.50 -19.73
C SER A 16 -3.81 9.36 -20.39
N ARG A 17 -4.72 9.91 -19.60
CA ARG A 17 -5.79 10.76 -20.15
C ARG A 17 -5.28 12.20 -20.31
N SER A 18 -4.21 12.54 -19.61
CA SER A 18 -3.72 13.95 -19.65
C SER A 18 -2.61 14.10 -20.67
N SER A 19 -1.79 13.07 -20.86
CA SER A 19 -0.61 13.14 -21.72
C SER A 19 -0.70 12.27 -22.97
N GLY A 20 -1.56 11.26 -22.97
CA GLY A 20 -1.65 10.37 -24.11
C GLY A 20 -0.55 9.33 -24.21
N ARG A 21 0.34 9.27 -23.22
CA ARG A 21 1.41 8.29 -23.22
C ARG A 21 0.97 7.03 -22.50
N VAL A 22 1.48 5.89 -22.96
CA VAL A 22 1.09 4.63 -22.34
C VAL A 22 1.73 4.54 -20.96
N TYR A 23 1.09 3.79 -20.07
CA TYR A 23 1.68 3.49 -18.77
C TYR A 23 1.21 2.10 -18.38
N TYR A 24 1.68 1.63 -17.22
CA TYR A 24 1.39 0.26 -16.81
C TYR A 24 0.79 0.29 -15.42
N PHE A 25 -0.21 -0.56 -15.22
CA PHE A 25 -1.01 -0.61 -14.01
C PHE A 25 -1.13 -2.06 -13.57
N ASN A 26 -1.09 -2.28 -12.26
CA ASN A 26 -1.18 -3.62 -11.68
C ASN A 26 -2.49 -3.72 -10.91
N HIS A 27 -3.40 -4.61 -11.33
CA HIS A 27 -4.70 -4.64 -10.68
C HIS A 27 -4.70 -5.46 -9.39
N ILE A 28 -3.57 -6.05 -8.99
CA ILE A 28 -3.47 -6.70 -7.69
C ILE A 28 -2.87 -5.77 -6.64
N THR A 29 -1.87 -4.98 -7.00
CA THR A 29 -1.22 -4.06 -6.08
C THR A 29 -1.67 -2.62 -6.22
N ASN A 30 -2.43 -2.29 -7.27
CA ASN A 30 -2.82 -0.91 -7.58
C ASN A 30 -1.62 0.03 -7.77
N ALA A 31 -0.43 -0.52 -8.07
CA ALA A 31 0.67 0.32 -8.49
C ALA A 31 0.48 0.78 -9.93
N SER A 32 1.03 1.96 -10.24
CA SER A 32 1.07 2.45 -11.60
C SER A 32 2.40 3.16 -11.85
N GLN A 33 2.91 3.03 -13.07
CA GLN A 33 4.22 3.58 -13.41
C GLN A 33 4.31 3.73 -14.92
N TRP A 34 5.25 4.56 -15.37
CA TRP A 34 5.46 4.78 -16.80
C TRP A 34 6.27 3.66 -17.44
N GLU A 35 7.22 3.07 -16.73
CA GLU A 35 8.14 2.11 -17.32
C GLU A 35 7.57 0.69 -17.34
N ARG A 36 7.94 -0.06 -18.38
CA ARG A 36 7.46 -1.45 -18.54
C ARG A 36 8.01 -2.31 -17.40
N PRO A 37 7.15 -3.05 -16.69
CA PRO A 37 7.60 -3.75 -15.47
C PRO A 37 8.69 -4.78 -15.73
N SER A 38 9.54 -4.99 -14.72
CA SER A 38 10.76 -5.78 -14.85
C SER A 38 10.49 -7.29 -14.83
N GLY A 39 11.23 -8.02 -15.66
CA GLY A 39 11.25 -9.48 -15.65
C GLY A 39 9.90 -10.18 -15.61
N GLU A 51 6.80 -18.31 -6.81
CA GLU A 51 6.74 -17.29 -5.77
C GLU A 51 7.28 -17.85 -4.45
N PRO A 52 7.77 -16.97 -3.57
CA PRO A 52 8.45 -17.44 -2.36
C PRO A 52 7.48 -17.82 -1.24
N ALA A 53 7.96 -18.70 -0.36
CA ALA A 53 7.13 -19.14 0.76
C ALA A 53 6.72 -17.97 1.64
N ARG A 54 7.59 -16.96 1.76
CA ARG A 54 7.41 -15.88 2.72
C ARG A 54 7.92 -14.60 2.09
N VAL A 55 7.27 -13.49 2.46
CA VAL A 55 7.74 -12.15 2.12
C VAL A 55 7.71 -11.30 3.38
N ARG A 56 8.46 -10.21 3.34
CA ARG A 56 8.49 -9.25 4.43
C ARG A 56 8.05 -7.90 3.90
N CYS A 57 7.13 -7.25 4.60
CA CYS A 57 6.58 -5.99 4.17
C CYS A 57 6.48 -5.02 5.33
N SER A 58 6.50 -3.74 5.00
CA SER A 58 6.02 -2.68 5.85
C SER A 58 4.75 -2.09 5.26
N HIS A 59 3.98 -1.41 6.09
CA HIS A 59 2.79 -0.75 5.56
C HIS A 59 2.52 0.54 6.33
N LEU A 60 1.66 1.35 5.72
CA LEU A 60 1.13 2.57 6.31
C LEU A 60 -0.38 2.43 6.19
N LEU A 61 -1.07 2.37 7.31
CA LEU A 61 -2.51 2.19 7.31
C LEU A 61 -3.20 3.50 7.62
N VAL A 62 -4.24 3.84 6.86
CA VAL A 62 -5.12 4.95 7.19
C VAL A 62 -6.49 4.35 7.40
N LYS A 63 -6.98 4.44 8.64
CA LYS A 63 -8.29 3.89 8.97
C LYS A 63 -9.37 4.90 8.63
N HIS A 64 -10.62 4.41 8.59
CA HIS A 64 -11.77 5.28 8.35
C HIS A 64 -12.92 4.78 9.23
N SER A 65 -14.06 5.47 9.15
CA SER A 65 -15.13 5.18 10.09
C SER A 65 -15.77 3.80 9.88
N GLN A 66 -15.56 3.15 8.74
CA GLN A 66 -16.07 1.79 8.55
C GLN A 66 -15.00 0.73 8.77
N SER A 67 -13.83 1.11 9.27
CA SER A 67 -12.79 0.14 9.60
C SER A 67 -13.30 -0.83 10.67
N ARG A 68 -12.79 -2.06 10.62
CA ARG A 68 -13.23 -3.10 11.56
C ARG A 68 -13.13 -2.65 13.01
N ARG A 69 -12.06 -1.93 13.36
CA ARG A 69 -11.93 -1.28 14.65
C ARG A 69 -11.55 0.17 14.40
N PRO A 70 -12.50 1.10 14.49
CA PRO A 70 -12.26 2.51 14.12
C PRO A 70 -11.59 3.29 15.24
N SER A 71 -10.36 2.88 15.56
CA SER A 71 -9.56 3.51 16.60
C SER A 71 -8.11 3.15 16.36
N SER A 72 -7.21 3.94 16.93
CA SER A 72 -5.78 3.70 16.79
C SER A 72 -5.05 4.47 17.87
N TRP A 73 -3.72 4.27 17.91
CA TRP A 73 -2.91 5.03 18.87
C TRP A 73 -2.93 6.52 18.57
N ARG A 74 -3.30 6.92 17.34
CA ARG A 74 -3.37 8.33 16.96
C ARG A 74 -4.69 8.98 17.36
N GLN A 75 -5.76 8.18 17.37
CA GLN A 75 -7.12 8.73 17.63
C GLN A 75 -7.98 7.68 18.33
N GLU A 76 -8.59 8.05 19.46
CA GLU A 76 -9.48 7.12 20.19
C GLU A 76 -10.69 6.80 19.31
N LYS A 77 -11.25 7.82 18.67
CA LYS A 77 -12.40 7.62 17.76
C LYS A 77 -12.02 8.14 16.37
N ILE A 78 -11.83 7.21 15.44
CA ILE A 78 -11.54 7.59 14.08
C ILE A 78 -12.86 7.83 13.35
N THR A 79 -13.03 9.06 12.89
CA THR A 79 -14.28 9.54 12.32
C THR A 79 -14.20 9.85 10.82
N ARG A 80 -13.02 9.74 10.22
CA ARG A 80 -12.88 10.17 8.83
C ARG A 80 -13.55 9.17 7.89
N THR A 81 -14.08 9.69 6.79
CA THR A 81 -14.75 8.85 5.81
C THR A 81 -13.74 8.08 4.97
N LYS A 82 -14.24 7.03 4.32
CA LYS A 82 -13.44 6.27 3.37
C LYS A 82 -12.83 7.18 2.31
N GLU A 83 -13.63 8.12 1.81
CA GLU A 83 -13.18 9.06 0.78
C GLU A 83 -11.99 9.86 1.28
N GLU A 84 -12.12 10.38 2.50
CA GLU A 84 -11.07 11.20 3.11
C GLU A 84 -9.81 10.38 3.34
N ALA A 85 -9.97 9.14 3.81
CA ALA A 85 -8.80 8.28 4.03
C ALA A 85 -8.07 8.00 2.72
N LEU A 86 -8.81 7.80 1.62
CA LEU A 86 -8.16 7.59 0.34
C LEU A 86 -7.40 8.82 -0.12
N GLU A 87 -7.93 10.01 0.16
CA GLU A 87 -7.22 11.23 -0.23
C GLU A 87 -5.91 11.36 0.56
N LEU A 88 -5.93 11.01 1.84
CA LEU A 88 -4.70 11.01 2.64
C LEU A 88 -3.69 10.02 2.07
N ILE A 89 -4.13 8.79 1.79
CA ILE A 89 -3.25 7.79 1.19
C ILE A 89 -2.67 8.30 -0.12
N ASN A 90 -3.51 8.86 -0.98
CA ASN A 90 -3.02 9.40 -2.25
C ASN A 90 -1.96 10.47 -2.02
N GLY A 91 -2.19 11.36 -1.07
CA GLY A 91 -1.20 12.38 -0.77
C GLY A 91 0.10 11.81 -0.26
N TYR A 92 0.04 10.79 0.61
CA TYR A 92 1.27 10.16 1.08
C TYR A 92 2.03 9.49 -0.06
N ILE A 93 1.31 8.83 -0.97
CA ILE A 93 1.98 8.23 -2.13
C ILE A 93 2.67 9.29 -2.96
N GLN A 94 2.03 10.46 -3.16
CA GLN A 94 2.71 11.52 -3.92
C GLN A 94 4.00 11.96 -3.25
N LYS A 95 3.98 12.19 -1.93
CA LYS A 95 5.22 12.64 -1.30
C LYS A 95 6.29 11.56 -1.31
N ILE A 96 5.90 10.29 -1.20
CA ILE A 96 6.90 9.22 -1.26
C ILE A 96 7.51 9.14 -2.65
N LYS A 97 6.68 9.23 -3.69
CA LYS A 97 7.18 9.09 -5.05
C LYS A 97 8.00 10.31 -5.50
N SER A 98 7.70 11.49 -4.98
CA SER A 98 8.49 12.66 -5.34
C SER A 98 9.79 12.73 -4.57
N GLY A 99 9.92 11.95 -3.51
CA GLY A 99 11.07 12.04 -2.63
C GLY A 99 11.00 13.13 -1.59
N GLU A 100 9.90 13.89 -1.53
CA GLU A 100 9.75 14.87 -0.46
C GLU A 100 9.74 14.21 0.90
N GLU A 101 9.26 12.97 0.99
CA GLU A 101 9.15 12.29 2.27
C GLU A 101 9.49 10.82 2.08
N ASP A 102 10.01 10.19 3.14
CA ASP A 102 10.29 8.76 3.08
C ASP A 102 9.07 7.98 3.56
N PHE A 103 8.87 6.79 2.96
CA PHE A 103 7.84 5.87 3.44
C PHE A 103 7.93 5.64 4.95
N GLU A 104 9.14 5.39 5.42
CA GLU A 104 9.31 5.03 6.82
C GLU A 104 8.94 6.19 7.73
N SER A 105 9.29 7.41 7.31
CA SER A 105 8.96 8.59 8.10
C SER A 105 7.45 8.84 8.11
N LEU A 106 6.79 8.71 6.96
CA LEU A 106 5.34 8.87 6.95
C LEU A 106 4.64 7.77 7.74
N ALA A 107 5.15 6.54 7.70
CA ALA A 107 4.51 5.47 8.45
C ALA A 107 4.63 5.68 9.95
N SER A 108 5.82 6.09 10.44
CA SER A 108 5.96 6.35 11.87
C SER A 108 5.04 7.47 12.33
N GLN A 109 4.78 8.46 11.48
CA GLN A 109 4.02 9.61 11.94
C GLN A 109 2.52 9.44 11.78
N PHE A 110 2.07 8.72 10.76
CA PHE A 110 0.66 8.80 10.39
C PHE A 110 -0.05 7.47 10.27
N SER A 111 0.64 6.35 10.32
CA SER A 111 -0.02 5.06 10.20
C SER A 111 -0.86 4.78 11.44
N ASP A 112 -2.10 4.32 11.22
CA ASP A 112 -3.04 3.99 12.28
C ASP A 112 -2.87 2.57 12.80
N CYS A 113 -1.75 1.92 12.49
CA CYS A 113 -1.42 0.59 12.97
C CYS A 113 -0.36 0.71 14.06
N SER A 114 -0.39 -0.25 15.01
CA SER A 114 0.65 -0.28 16.04
C SER A 114 2.04 -0.39 15.44
N SER A 115 2.15 -0.87 14.19
CA SER A 115 3.45 -1.03 13.57
C SER A 115 4.09 0.29 13.20
N ALA A 116 3.35 1.40 13.29
CA ALA A 116 3.92 2.72 13.10
C ALA A 116 5.19 2.87 13.92
N LYS A 117 5.17 2.33 15.14
CA LYS A 117 6.31 2.44 16.05
C LYS A 117 7.54 1.75 15.50
N ALA A 118 7.37 0.87 14.53
CA ALA A 118 8.47 0.14 13.90
C ALA A 118 8.66 0.58 12.46
N ARG A 119 8.41 1.87 12.19
CA ARG A 119 8.51 2.42 10.85
C ARG A 119 7.66 1.62 9.85
N GLY A 120 6.59 1.00 10.34
CA GLY A 120 5.67 0.25 9.51
C GLY A 120 5.99 -1.21 9.30
N ASP A 121 7.15 -1.69 9.77
CA ASP A 121 7.56 -3.08 9.54
C ASP A 121 6.61 -4.07 10.20
N LEU A 122 6.17 -5.06 9.43
CA LEU A 122 5.33 -6.15 9.94
C LEU A 122 6.08 -7.46 10.13
N GLY A 123 7.36 -7.52 9.76
CA GLY A 123 8.04 -8.79 9.75
C GLY A 123 7.62 -9.64 8.56
N ALA A 124 8.07 -10.88 8.58
CA ALA A 124 7.80 -11.83 7.50
C ALA A 124 6.53 -12.63 7.77
N PHE A 125 5.86 -13.04 6.68
CA PHE A 125 4.62 -13.79 6.80
C PHE A 125 4.42 -14.66 5.57
N SER A 126 3.58 -15.68 5.73
CA SER A 126 3.16 -16.57 4.67
C SER A 126 1.76 -16.24 4.19
N ARG A 127 1.37 -16.89 3.10
CA ARG A 127 -0.01 -16.87 2.66
C ARG A 127 -0.90 -17.49 3.73
N GLY A 128 -2.11 -16.92 3.88
CA GLY A 128 -3.06 -17.43 4.85
C GLY A 128 -3.00 -16.79 6.22
N GLN A 129 -2.14 -15.80 6.42
CA GLN A 129 -2.04 -15.12 7.71
C GLN A 129 -2.61 -13.72 7.73
N MET A 130 -2.46 -12.97 6.63
CA MET A 130 -2.95 -11.59 6.58
CA MET A 130 -2.93 -11.59 6.56
C MET A 130 -4.28 -11.54 5.86
N GLN A 131 -4.91 -10.37 5.92
CA GLN A 131 -6.14 -10.19 5.15
C GLN A 131 -5.84 -10.37 3.67
N LYS A 132 -6.80 -10.96 2.95
CA LYS A 132 -6.47 -11.46 1.61
C LYS A 132 -6.03 -10.40 0.61
N PRO A 133 -6.64 -9.21 0.52
CA PRO A 133 -6.12 -8.25 -0.46
C PRO A 133 -4.75 -7.71 -0.11
N PHE A 134 -4.45 -7.60 1.18
CA PHE A 134 -3.08 -7.28 1.62
C PHE A 134 -2.12 -8.39 1.23
N GLU A 135 -2.51 -9.64 1.48
CA GLU A 135 -1.65 -10.78 1.13
C GLU A 135 -1.36 -10.82 -0.37
N ASP A 136 -2.41 -10.72 -1.19
CA ASP A 136 -2.20 -10.81 -2.64
C ASP A 136 -1.31 -9.69 -3.14
N ALA A 137 -1.51 -8.46 -2.65
CA ALA A 137 -0.66 -7.37 -3.08
C ALA A 137 0.79 -7.59 -2.63
N SER A 138 0.97 -8.05 -1.39
CA SER A 138 2.32 -8.26 -0.88
C SER A 138 3.10 -9.25 -1.73
N PHE A 139 2.45 -10.36 -2.09
CA PHE A 139 3.14 -11.39 -2.85
C PHE A 139 3.25 -11.06 -4.33
N ALA A 140 2.47 -10.10 -4.82
CA ALA A 140 2.61 -9.65 -6.20
C ALA A 140 3.63 -8.52 -6.35
N LEU A 141 4.04 -7.90 -5.24
CA LEU A 141 5.10 -6.91 -5.31
C LEU A 141 6.45 -7.61 -5.50
N ARG A 142 7.35 -6.96 -6.24
CA ARG A 142 8.70 -7.47 -6.28
C ARG A 142 9.48 -6.83 -5.14
N THR A 143 10.62 -7.42 -4.79
CA THR A 143 11.34 -6.89 -3.63
C THR A 143 11.74 -5.45 -3.92
N GLY A 144 11.44 -4.56 -2.98
CA GLY A 144 11.70 -3.15 -3.13
C GLY A 144 10.55 -2.33 -3.67
N GLU A 145 9.55 -2.98 -4.28
CA GLU A 145 8.43 -2.30 -4.92
C GLU A 145 7.39 -1.87 -3.88
N MET A 146 6.60 -0.85 -4.23
CA MET A 146 5.59 -0.36 -3.30
C MET A 146 4.23 -0.36 -4.01
N SER A 147 3.19 -0.63 -3.23
CA SER A 147 1.85 -0.76 -3.80
C SER A 147 1.20 0.59 -4.01
N GLY A 148 0.06 0.58 -4.70
CA GLY A 148 -0.86 1.69 -4.63
C GLY A 148 -1.76 1.50 -3.43
N PRO A 149 -2.89 2.21 -3.38
CA PRO A 149 -3.85 1.98 -2.29
C PRO A 149 -4.43 0.57 -2.35
N VAL A 150 -4.28 -0.15 -1.24
CA VAL A 150 -4.86 -1.48 -1.09
C VAL A 150 -5.90 -1.44 0.03
N PHE A 151 -7.08 -1.98 -0.25
CA PHE A 151 -8.23 -1.87 0.63
C PHE A 151 -8.45 -3.18 1.38
N THR A 152 -8.66 -3.09 2.69
CA THR A 152 -9.04 -4.25 3.49
C THR A 152 -10.09 -3.84 4.51
N ASP A 153 -10.52 -4.80 5.32
CA ASP A 153 -11.43 -4.44 6.40
C ASP A 153 -10.78 -3.55 7.45
N SER A 154 -9.45 -3.46 7.50
CA SER A 154 -8.82 -2.54 8.44
C SER A 154 -8.86 -1.10 7.97
N GLY A 155 -8.92 -0.88 6.67
CA GLY A 155 -8.77 0.45 6.11
C GLY A 155 -8.06 0.39 4.78
N ILE A 156 -7.23 1.41 4.51
CA ILE A 156 -6.51 1.58 3.26
C ILE A 156 -5.02 1.58 3.56
N HIS A 157 -4.27 0.77 2.83
CA HIS A 157 -2.84 0.56 3.10
C HIS A 157 -1.98 1.03 1.93
N ILE A 158 -0.76 1.47 2.26
CA ILE A 158 0.35 1.51 1.32
C ILE A 158 1.29 0.41 1.76
N ILE A 159 1.69 -0.49 0.85
CA ILE A 159 2.53 -1.62 1.23
C ILE A 159 3.88 -1.51 0.55
N LEU A 160 4.97 -1.69 1.32
CA LEU A 160 6.32 -1.75 0.78
C LEU A 160 6.90 -3.14 1.07
N ARG A 161 7.27 -3.86 0.01
CA ARG A 161 7.87 -5.18 0.18
C ARG A 161 9.37 -5.02 0.38
N THR A 162 9.87 -5.46 1.54
CA THR A 162 11.28 -5.27 1.83
C THR A 162 12.12 -6.54 1.65
N GLU A 163 11.52 -7.72 1.75
CA GLU A 163 12.23 -8.98 1.49
C GLU A 163 11.29 -9.97 0.82
N1 A1EHB B . 2.95 -3.87 15.93
C4 A1EHB B . 4.88 -2.81 17.10
C5 A1EHB B . 5.05 -4.55 15.25
C6 A1EHB B . 6.54 -4.73 15.24
C1 A1EHB B . 1.24 -4.95 14.51
C2 A1EHB B . 2.64 -4.65 14.93
C3 A1EHB B . 4.33 -3.76 16.08
O1 A1EHB B . 7.03 -5.11 13.95
S1 A1EHB B . 4.01 -5.33 14.12
O1 PE8 C . 2.54 3.22 -7.63
C2 PE8 C . 1.56 3.44 -6.63
C3 PE8 C . 0.50 4.40 -7.08
O4 PE8 C . 1.08 5.66 -7.39
C5 PE8 C . 0.13 6.59 -7.89
C6 PE8 C . 0.78 7.92 -8.08
O7 PE8 C . 1.83 7.82 -9.03
C8 PE8 C . 2.20 9.08 -9.56
C9 PE8 C . 3.25 8.87 -10.62
O10 PE8 C . 2.69 8.09 -11.65
C11 PE8 C . 3.59 7.85 -12.73
C12 PE8 C . 2.88 7.08 -13.79
O13 PE8 C . 1.66 7.75 -14.09
C14 PE8 C . 0.91 7.09 -15.11
C15 PE8 C . -0.42 7.76 -15.29
O16 PE8 C . -1.24 7.50 -14.16
C17 PE8 C . -2.61 7.77 -14.40
C18 PE8 C . -3.46 7.10 -13.35
O19 PE8 C . -3.10 7.65 -12.08
C20 PE8 C . -3.50 6.81 -10.99
C21 PE8 C . -2.89 7.32 -9.71
O22 PE8 C . -3.55 8.53 -9.32
C23 PE8 C . -4.93 8.33 -9.05
C24 PE8 C . -5.75 9.36 -9.75
O25 PE8 C . -5.63 9.28 -11.17
S SO4 D . 11.54 -10.71 -6.48
O1 SO4 D . 12.02 -11.56 -7.57
O2 SO4 D . 10.15 -11.06 -6.18
O3 SO4 D . 12.37 -10.90 -5.30
O4 SO4 D . 11.63 -9.31 -6.88
S SO4 E . -8.40 -3.63 12.60
O1 SO4 E . -7.65 -4.25 11.51
O2 SO4 E . -9.19 -2.50 12.07
O3 SO4 E . -9.31 -4.64 13.13
O4 SO4 E . -7.46 -3.18 13.63
#